data_1ZPX
#
_entry.id   1ZPX
#
_cell.length_a   1.000
_cell.length_b   1.000
_cell.length_c   1.000
_cell.angle_alpha   90.00
_cell.angle_beta   90.00
_cell.angle_gamma   90.00
#
_symmetry.space_group_name_H-M   'P 1'
#
_entity_poly.entity_id   1
_entity_poly.type   'polypeptide(L)'
_entity_poly.pdbx_seq_one_letter_code
;(ACE)PCGSYCPSVCAPACAPVCCYP(NH2)
;
_entity_poly.pdbx_strand_id   A
#
# COMPACT_ATOMS: atom_id res chain seq x y z
N PRO A 2 -5.34 -6.07 -3.68
CA PRO A 2 -3.94 -5.70 -3.32
C PRO A 2 -3.24 -4.73 -4.33
N CYS A 3 -2.03 -4.28 -3.96
CA CYS A 3 -1.32 -3.19 -4.68
C CYS A 3 -0.69 -3.57 -6.03
N GLY A 4 -0.01 -4.73 -6.04
CA GLY A 4 0.95 -5.07 -7.11
C GLY A 4 2.38 -4.57 -6.81
N SER A 5 2.59 -3.25 -6.96
CA SER A 5 3.93 -2.62 -6.77
C SER A 5 3.99 -1.32 -5.94
N TYR A 6 2.96 -0.45 -6.00
CA TYR A 6 3.03 0.90 -5.37
C TYR A 6 3.04 0.97 -3.80
N CYS A 7 2.55 -0.07 -3.09
CA CYS A 7 2.39 -0.04 -1.60
C CYS A 7 2.56 -1.45 -0.97
N PRO A 8 2.99 -1.61 0.32
CA PRO A 8 2.72 -2.84 1.12
C PRO A 8 1.22 -3.16 1.23
N SER A 9 0.78 -4.23 0.54
CA SER A 9 -0.63 -4.71 0.63
C SER A 9 -0.98 -5.63 1.85
N VAL A 10 -0.12 -5.63 2.88
CA VAL A 10 -0.56 -5.84 4.30
C VAL A 10 -1.40 -4.68 4.93
N CYS A 11 -1.18 -3.42 4.48
CA CYS A 11 -2.16 -2.31 4.67
C CYS A 11 -3.47 -2.33 3.83
N ALA A 12 -3.72 -3.37 2.97
CA ALA A 12 -4.84 -3.40 2.02
C ALA A 12 -6.29 -3.22 2.60
N PRO A 13 -7.28 -2.72 1.81
CA PRO A 13 -7.15 -2.54 0.33
C PRO A 13 -7.16 -1.10 -0.25
N ALA A 14 -6.72 -0.11 0.54
CA ALA A 14 -6.31 1.20 0.00
C ALA A 14 -5.03 1.21 -0.86
N CYS A 15 -3.96 0.48 -0.44
CA CYS A 15 -2.58 0.68 -0.93
C CYS A 15 -2.13 2.15 -0.73
N ALA A 16 -2.06 2.63 0.52
CA ALA A 16 -2.33 4.06 0.82
C ALA A 16 -1.03 4.90 0.88
N PRO A 17 -0.91 6.15 0.34
CA PRO A 17 0.31 6.99 0.46
C PRO A 17 1.09 7.11 1.81
N VAL A 18 0.40 6.94 2.95
CA VAL A 18 1.02 6.75 4.29
C VAL A 18 1.69 5.37 4.55
N CYS A 19 1.09 4.24 4.12
CA CYS A 19 1.80 2.94 4.05
C CYS A 19 2.86 2.79 2.92
N CYS A 20 2.66 3.49 1.78
CA CYS A 20 3.58 3.45 0.61
C CYS A 20 4.93 4.20 0.80
N TYR A 21 4.92 5.44 1.34
CA TYR A 21 6.04 6.39 1.20
C TYR A 21 6.53 6.78 2.65
N PRO A 22 7.48 6.05 3.31
CA PRO A 22 7.90 6.36 4.71
C PRO A 22 8.89 7.57 4.79
N PRO A 2 -5.29 -5.99 -3.69
CA PRO A 2 -3.89 -5.64 -3.32
C PRO A 2 -3.19 -4.63 -4.29
N CYS A 3 -1.95 -4.26 -3.96
CA CYS A 3 -1.24 -3.12 -4.61
C CYS A 3 -0.64 -3.42 -5.99
N GLY A 4 0.04 -4.57 -6.10
CA GLY A 4 1.01 -4.81 -7.18
C GLY A 4 2.44 -4.35 -6.78
N SER A 5 2.67 -3.02 -6.78
CA SER A 5 4.00 -2.42 -6.47
C SER A 5 4.01 -1.14 -5.59
N TYR A 6 3.00 -0.26 -5.70
CA TYR A 6 3.04 1.07 -5.02
C TYR A 6 3.00 1.06 -3.45
N CYS A 7 2.40 0.04 -2.83
CA CYS A 7 2.34 -0.11 -1.34
C CYS A 7 2.66 -1.57 -0.90
N PRO A 8 3.14 -1.82 0.36
CA PRO A 8 2.79 -3.04 1.13
C PRO A 8 1.25 -3.27 1.23
N SER A 9 0.78 -4.34 0.55
CA SER A 9 -0.64 -4.76 0.66
C SER A 9 -1.03 -5.58 1.93
N VAL A 10 -0.22 -5.49 2.99
CA VAL A 10 -0.69 -5.66 4.40
C VAL A 10 -1.57 -4.46 4.90
N CYS A 11 -1.30 -3.21 4.45
CA CYS A 11 -2.27 -2.08 4.54
C CYS A 11 -3.53 -2.14 3.61
N ALA A 12 -3.79 -3.24 2.86
CA ALA A 12 -4.92 -3.37 1.94
C ALA A 12 -6.34 -3.25 2.59
N PRO A 13 -7.39 -2.78 1.84
CA PRO A 13 -7.32 -2.55 0.36
C PRO A 13 -7.31 -1.09 -0.17
N ALA A 14 -6.84 -0.15 0.65
CA ALA A 14 -6.35 1.16 0.16
C ALA A 14 -5.09 1.10 -0.74
N CYS A 15 -4.06 0.32 -0.34
CA CYS A 15 -2.67 0.46 -0.83
C CYS A 15 -2.16 1.92 -0.64
N ALA A 16 -2.12 2.40 0.61
CA ALA A 16 -2.36 3.84 0.89
C ALA A 16 -1.10 4.75 0.71
N PRO A 17 -1.19 6.06 0.36
CA PRO A 17 -0.05 7.02 0.49
C PRO A 17 0.81 7.09 1.80
N VAL A 18 0.33 6.52 2.92
CA VAL A 18 1.11 6.35 4.17
C VAL A 18 2.00 5.07 4.18
N CYS A 19 1.48 3.88 3.82
CA CYS A 19 2.35 2.70 3.57
C CYS A 19 3.27 2.78 2.31
N CYS A 20 2.84 3.53 1.28
CA CYS A 20 3.65 3.81 0.06
C CYS A 20 4.79 4.84 0.31
N TYR A 21 4.48 5.98 0.97
CA TYR A 21 5.40 7.15 1.07
C TYR A 21 5.53 7.46 2.61
N PRO A 22 6.43 6.83 3.41
CA PRO A 22 6.46 7.02 4.89
C PRO A 22 7.18 8.34 5.32
N PRO A 2 -4.93 -7.58 -3.45
CA PRO A 2 -3.77 -6.68 -3.19
C PRO A 2 -3.39 -5.75 -4.39
N CYS A 3 -2.62 -4.71 -4.07
CA CYS A 3 -2.03 -3.80 -5.09
C CYS A 3 -0.68 -4.24 -5.71
N GLY A 4 0.24 -4.71 -4.85
CA GLY A 4 1.59 -5.12 -5.27
C GLY A 4 2.61 -3.97 -5.33
N SER A 5 2.61 -3.25 -6.47
CA SER A 5 3.72 -2.37 -6.87
C SER A 5 3.76 -0.94 -6.29
N TYR A 6 2.61 -0.26 -6.13
CA TYR A 6 2.58 1.09 -5.51
C TYR A 6 2.55 1.13 -3.95
N CYS A 7 2.28 0.01 -3.25
CA CYS A 7 2.22 -0.02 -1.76
C CYS A 7 2.53 -1.44 -1.18
N PRO A 8 3.06 -1.58 0.08
CA PRO A 8 2.78 -2.74 0.97
C PRO A 8 1.26 -3.03 1.14
N SER A 9 0.80 -4.06 0.42
CA SER A 9 -0.61 -4.54 0.51
C SER A 9 -0.93 -5.52 1.69
N VAL A 10 -0.14 -5.43 2.78
CA VAL A 10 -0.63 -5.73 4.17
C VAL A 10 -1.58 -4.61 4.73
N CYS A 11 -1.36 -3.32 4.37
CA CYS A 11 -2.38 -2.25 4.53
C CYS A 11 -3.66 -2.32 3.60
N ALA A 12 -3.85 -3.38 2.79
CA ALA A 12 -4.91 -3.46 1.78
C ALA A 12 -6.38 -3.34 2.28
N PRO A 13 -7.36 -2.85 1.46
CA PRO A 13 -7.14 -2.54 0.01
C PRO A 13 -7.09 -1.05 -0.44
N ALA A 14 -6.79 -0.13 0.48
CA ALA A 14 -6.34 1.24 0.11
C ALA A 14 -5.00 1.32 -0.65
N CYS A 15 -3.98 0.55 -0.22
CA CYS A 15 -2.59 0.61 -0.71
C CYS A 15 -2.01 2.04 -0.57
N ALA A 16 -2.01 2.55 0.68
CA ALA A 16 -2.21 3.99 0.92
C ALA A 16 -0.90 4.83 0.86
N PRO A 17 -0.87 6.12 0.43
CA PRO A 17 0.34 7.01 0.58
C PRO A 17 1.13 7.08 1.93
N VAL A 18 0.58 6.56 3.05
CA VAL A 18 1.32 6.36 4.32
C VAL A 18 2.04 4.98 4.44
N CYS A 19 1.45 3.86 3.99
CA CYS A 19 2.24 2.61 3.75
C CYS A 19 3.26 2.70 2.57
N CYS A 20 2.90 3.42 1.50
CA CYS A 20 3.78 3.65 0.32
C CYS A 20 4.97 4.63 0.62
N TYR A 21 4.69 5.78 1.27
CA TYR A 21 5.66 6.88 1.46
C TYR A 21 5.71 7.16 2.99
N PRO A 22 6.54 6.48 3.84
CA PRO A 22 6.48 6.63 5.31
C PRO A 22 7.21 7.89 5.84
N PRO A 2 -5.03 -6.95 -3.64
CA PRO A 2 -3.76 -6.33 -3.17
C PRO A 2 -3.17 -5.26 -4.14
N CYS A 3 -1.99 -4.69 -3.77
CA CYS A 3 -1.39 -3.52 -4.46
C CYS A 3 -0.63 -3.87 -5.76
N GLY A 4 0.27 -4.86 -5.66
CA GLY A 4 1.29 -5.11 -6.69
C GLY A 4 2.55 -4.24 -6.50
N SER A 5 2.49 -3.04 -7.10
CA SER A 5 3.63 -2.09 -7.12
C SER A 5 3.64 -1.01 -6.03
N TYR A 6 2.56 -0.23 -5.95
CA TYR A 6 2.62 1.10 -5.30
C TYR A 6 2.51 1.12 -3.74
N CYS A 7 2.43 -0.05 -3.05
CA CYS A 7 2.34 -0.09 -1.57
C CYS A 7 2.64 -1.50 -0.97
N PRO A 8 3.11 -1.63 0.31
CA PRO A 8 2.80 -2.80 1.19
C PRO A 8 1.27 -3.09 1.29
N SER A 9 0.85 -4.20 0.66
CA SER A 9 -0.55 -4.68 0.74
C SER A 9 -0.94 -5.52 2.01
N VAL A 10 -0.15 -5.38 3.09
CA VAL A 10 -0.66 -5.57 4.49
C VAL A 10 -1.60 -4.41 4.96
N CYS A 11 -1.38 -3.17 4.50
CA CYS A 11 -2.40 -2.09 4.57
C CYS A 11 -3.61 -2.18 3.59
N ALA A 12 -3.81 -3.29 2.84
CA ALA A 12 -4.88 -3.43 1.84
C ALA A 12 -6.35 -3.30 2.36
N PRO A 13 -7.32 -2.83 1.55
CA PRO A 13 -7.14 -2.57 0.09
C PRO A 13 -7.09 -1.11 -0.43
N ALA A 14 -6.73 -0.15 0.45
CA ALA A 14 -6.31 1.20 0.01
C ALA A 14 -5.02 1.29 -0.82
N CYS A 15 -3.99 0.48 -0.48
CA CYS A 15 -2.61 0.61 -1.01
C CYS A 15 -2.03 2.02 -0.73
N ALA A 16 -2.00 2.44 0.54
CA ALA A 16 -2.23 3.85 0.89
C ALA A 16 -0.92 4.69 0.85
N PRO A 17 -0.85 5.96 0.36
CA PRO A 17 0.34 6.85 0.52
C PRO A 17 1.12 6.91 1.87
N VAL A 18 0.44 6.59 2.99
CA VAL A 18 1.08 6.35 4.31
C VAL A 18 1.90 5.05 4.47
N CYS A 19 1.39 3.89 4.02
CA CYS A 19 2.26 2.68 3.86
C CYS A 19 3.30 2.76 2.69
N CYS A 20 2.98 3.49 1.62
CA CYS A 20 3.84 3.60 0.41
C CYS A 20 5.13 4.47 0.58
N TYR A 21 5.01 5.66 1.19
CA TYR A 21 6.05 6.72 1.10
C TYR A 21 6.52 7.05 2.56
N PRO A 22 7.55 6.39 3.18
CA PRO A 22 7.94 6.65 4.58
C PRO A 22 8.80 7.93 4.75
N PRO A 2 -5.50 -6.25 -3.01
CA PRO A 2 -4.20 -5.55 -2.88
C PRO A 2 -3.67 -4.92 -4.20
N CYS A 3 -2.77 -3.93 -4.06
CA CYS A 3 -2.09 -3.29 -5.23
C CYS A 3 -0.77 -3.97 -5.68
N GLY A 4 0.06 -4.43 -4.74
CA GLY A 4 1.40 -4.96 -5.03
C GLY A 4 2.50 -3.89 -5.20
N SER A 5 2.52 -3.23 -6.37
CA SER A 5 3.69 -2.44 -6.83
C SER A 5 3.86 -1.02 -6.25
N TYR A 6 2.78 -0.24 -6.07
CA TYR A 6 2.87 1.09 -5.40
C TYR A 6 2.78 1.08 -3.83
N CYS A 7 2.42 -0.05 -3.17
CA CYS A 7 2.31 -0.12 -1.69
C CYS A 7 2.69 -1.53 -1.15
N PRO A 8 3.21 -1.70 0.10
CA PRO A 8 2.98 -2.92 0.94
C PRO A 8 1.48 -3.17 1.20
N SER A 9 0.85 -3.93 0.28
CA SER A 9 -0.61 -4.22 0.35
C SER A 9 -0.96 -5.44 1.26
N VAL A 10 -0.17 -5.67 2.34
CA VAL A 10 -0.68 -6.27 3.62
C VAL A 10 -1.54 -5.26 4.45
N CYS A 11 -1.22 -3.94 4.44
CA CYS A 11 -2.16 -2.87 4.87
C CYS A 11 -3.44 -2.58 3.99
N ALA A 12 -3.73 -3.43 2.98
CA ALA A 12 -4.89 -3.35 2.09
C ALA A 12 -6.31 -3.07 2.71
N PRO A 13 -7.30 -2.52 1.94
CA PRO A 13 -7.23 -2.38 0.46
C PRO A 13 -7.16 -0.97 -0.19
N ALA A 14 -6.79 0.07 0.57
CA ALA A 14 -6.31 1.34 -0.04
C ALA A 14 -4.96 1.29 -0.79
N CYS A 15 -3.98 0.51 -0.27
CA CYS A 15 -2.57 0.54 -0.67
C CYS A 15 -2.00 1.99 -0.68
N ALA A 16 -2.10 2.66 0.49
CA ALA A 16 -2.22 4.13 0.55
C ALA A 16 -0.86 4.88 0.52
N PRO A 17 -0.69 6.12 -0.03
CA PRO A 17 0.56 6.92 0.10
C PRO A 17 1.26 7.14 1.48
N VAL A 18 0.60 6.82 2.61
CA VAL A 18 1.25 6.72 3.96
C VAL A 18 1.65 5.26 4.38
N CYS A 19 0.90 4.22 3.99
CA CYS A 19 1.43 2.81 3.97
C CYS A 19 2.66 2.59 3.03
N CYS A 20 2.64 3.23 1.85
CA CYS A 20 3.76 3.26 0.87
C CYS A 20 4.94 4.17 1.31
N TYR A 21 4.66 5.44 1.67
CA TYR A 21 5.69 6.49 1.84
C TYR A 21 5.48 7.09 3.27
N PRO A 22 6.02 6.51 4.39
CA PRO A 22 5.69 6.97 5.77
C PRO A 22 6.47 8.25 6.19
N PRO A 2 -5.21 -7.09 -3.41
CA PRO A 2 -4.00 -6.28 -3.15
C PRO A 2 -3.51 -5.43 -4.37
N CYS A 3 -2.69 -4.41 -4.07
CA CYS A 3 -1.94 -3.64 -5.11
C CYS A 3 -0.58 -4.27 -5.52
N GLY A 4 0.23 -4.61 -4.50
CA GLY A 4 1.64 -5.05 -4.65
C GLY A 4 2.58 -4.42 -5.70
N SER A 5 2.61 -3.08 -5.75
CA SER A 5 3.46 -2.32 -6.71
C SER A 5 3.65 -0.84 -6.28
N TYR A 6 2.56 -0.13 -5.95
CA TYR A 6 2.66 1.21 -5.29
C TYR A 6 2.53 1.20 -3.73
N CYS A 7 2.38 0.04 -3.06
CA CYS A 7 2.23 -0.03 -1.58
C CYS A 7 2.56 -1.45 -1.03
N PRO A 8 3.07 -1.61 0.22
CA PRO A 8 2.80 -2.82 1.07
C PRO A 8 1.28 -3.12 1.22
N SER A 9 0.82 -4.09 0.42
CA SER A 9 -0.59 -4.56 0.46
C SER A 9 -0.94 -5.68 1.50
N VAL A 10 -0.13 -5.79 2.56
CA VAL A 10 -0.63 -6.15 3.93
C VAL A 10 -1.49 -5.04 4.62
N CYS A 11 -1.15 -3.76 4.40
CA CYS A 11 -2.05 -2.59 4.67
C CYS A 11 -3.14 -2.31 3.56
N ALA A 12 -3.55 -3.32 2.77
CA ALA A 12 -4.68 -3.25 1.84
C ALA A 12 -6.10 -3.04 2.48
N PRO A 13 -7.15 -2.60 1.71
CA PRO A 13 -7.08 -2.42 0.24
C PRO A 13 -7.11 -0.99 -0.36
N ALA A 14 -6.82 0.06 0.43
CA ALA A 14 -6.43 1.37 -0.12
C ALA A 14 -5.09 1.42 -0.89
N CYS A 15 -4.07 0.69 -0.42
CA CYS A 15 -2.67 0.79 -0.89
C CYS A 15 -2.13 2.24 -0.72
N ALA A 16 -2.19 2.77 0.51
CA ALA A 16 -2.35 4.23 0.73
C ALA A 16 -1.00 4.96 0.80
N PRO A 17 -0.77 6.20 0.24
CA PRO A 17 0.52 6.96 0.38
C PRO A 17 1.32 6.94 1.73
N VAL A 18 0.61 6.82 2.87
CA VAL A 18 1.20 6.58 4.22
C VAL A 18 1.74 5.16 4.53
N CYS A 19 1.03 4.09 4.11
CA CYS A 19 1.66 2.75 3.99
C CYS A 19 2.79 2.63 2.92
N CYS A 20 2.65 3.36 1.80
CA CYS A 20 3.60 3.41 0.67
C CYS A 20 4.91 4.24 1.00
N TYR A 21 6.00 4.29 0.22
CA TYR A 21 6.10 3.81 -1.19
C TYR A 21 7.33 2.84 -1.32
N PRO A 22 7.24 1.61 -1.92
CA PRO A 22 8.36 0.64 -1.96
C PRO A 22 9.41 0.99 -3.06
N PRO A 2 -5.28 -6.74 -2.80
CA PRO A 2 -4.03 -5.93 -2.70
C PRO A 2 -3.60 -5.24 -4.04
N CYS A 3 -2.70 -4.24 -3.93
CA CYS A 3 -2.05 -3.64 -5.13
C CYS A 3 -0.72 -4.28 -5.58
N GLY A 4 0.17 -4.57 -4.61
CA GLY A 4 1.53 -5.08 -4.90
C GLY A 4 2.58 -3.99 -5.17
N SER A 5 2.55 -3.42 -6.38
CA SER A 5 3.67 -2.60 -6.92
C SER A 5 3.87 -1.19 -6.34
N TYR A 6 2.79 -0.40 -6.22
CA TYR A 6 2.86 0.96 -5.60
C TYR A 6 2.70 1.02 -4.05
N CYS A 7 2.41 -0.11 -3.36
CA CYS A 7 2.22 -0.13 -1.88
C CYS A 7 2.55 -1.54 -1.30
N PRO A 8 3.15 -1.69 -0.08
CA PRO A 8 2.91 -2.86 0.82
C PRO A 8 1.40 -3.05 1.12
N SER A 9 0.77 -3.90 0.31
CA SER A 9 -0.68 -4.20 0.43
C SER A 9 -0.98 -5.48 1.31
N VAL A 10 -0.17 -5.69 2.37
CA VAL A 10 -0.67 -6.22 3.67
C VAL A 10 -1.41 -5.11 4.51
N CYS A 11 -0.89 -3.86 4.50
CA CYS A 11 -1.64 -2.64 4.90
C CYS A 11 -2.80 -2.16 3.93
N ALA A 12 -3.25 -3.02 2.99
CA ALA A 12 -4.51 -2.93 2.22
C ALA A 12 -5.84 -2.50 2.93
N PRO A 13 -6.94 -2.13 2.20
CA PRO A 13 -7.04 -2.26 0.71
C PRO A 13 -7.00 -1.00 -0.19
N ALA A 14 -6.79 0.21 0.33
CA ALA A 14 -6.51 1.41 -0.52
C ALA A 14 -5.14 1.46 -1.23
N CYS A 15 -4.10 0.74 -0.74
CA CYS A 15 -2.71 0.85 -1.21
C CYS A 15 -2.13 2.29 -1.02
N ALA A 16 -2.26 2.81 0.21
CA ALA A 16 -2.37 4.28 0.45
C ALA A 16 -1.00 5.00 0.64
N PRO A 17 -0.82 6.33 0.39
CA PRO A 17 0.48 7.03 0.68
C PRO A 17 1.03 7.09 2.14
N VAL A 18 0.37 6.46 3.14
CA VAL A 18 0.98 6.09 4.45
C VAL A 18 1.29 4.58 4.66
N CYS A 19 0.57 3.64 4.01
CA CYS A 19 1.11 2.29 3.73
C CYS A 19 2.42 2.28 2.86
N CYS A 20 2.40 3.07 1.78
CA CYS A 20 3.52 3.23 0.82
C CYS A 20 4.67 4.13 1.33
N TYR A 21 4.35 5.32 1.90
CA TYR A 21 5.36 6.33 2.30
C TYR A 21 5.11 6.65 3.82
N PRO A 22 5.61 5.86 4.83
CA PRO A 22 5.25 6.06 6.26
C PRO A 22 5.90 7.30 6.95
N PRO A 2 -5.71 -6.22 -3.96
CA PRO A 2 -4.48 -5.50 -3.51
C PRO A 2 -3.74 -4.69 -4.63
N CYS A 3 -2.78 -3.85 -4.20
CA CYS A 3 -1.88 -3.14 -5.13
C CYS A 3 -0.69 -3.98 -5.66
N GLY A 4 0.08 -4.55 -4.74
CA GLY A 4 1.38 -5.19 -5.06
C GLY A 4 2.53 -4.18 -5.25
N SER A 5 2.61 -3.61 -6.46
CA SER A 5 3.81 -2.86 -6.93
C SER A 5 3.96 -1.38 -6.50
N TYR A 6 2.87 -0.59 -6.46
CA TYR A 6 2.95 0.81 -5.94
C TYR A 6 3.01 0.95 -4.38
N CYS A 7 2.55 -0.06 -3.61
CA CYS A 7 2.39 0.03 -2.14
C CYS A 7 2.50 -1.39 -1.47
N PRO A 8 3.02 -1.54 -0.21
CA PRO A 8 2.70 -2.70 0.69
C PRO A 8 1.18 -2.93 0.87
N SER A 9 0.68 -4.01 0.25
CA SER A 9 -0.73 -4.45 0.42
C SER A 9 -0.95 -5.48 1.57
N VAL A 10 -0.21 -5.29 2.67
CA VAL A 10 -0.60 -5.77 4.03
C VAL A 10 -1.69 -4.86 4.69
N CYS A 11 -1.57 -3.53 4.56
CA CYS A 11 -2.68 -2.57 4.79
C CYS A 11 -3.86 -2.54 3.76
N ALA A 12 -4.00 -3.55 2.88
CA ALA A 12 -4.98 -3.59 1.78
C ALA A 12 -6.49 -3.35 2.13
N PRO A 13 -7.33 -2.79 1.20
CA PRO A 13 -6.92 -2.47 -0.20
C PRO A 13 -6.52 -1.01 -0.55
N ALA A 14 -6.27 -0.16 0.46
CA ALA A 14 -5.48 1.08 0.28
C ALA A 14 -4.22 0.96 1.18
N CYS A 15 -3.21 0.27 0.65
CA CYS A 15 -2.36 0.73 -0.48
C CYS A 15 -2.16 2.26 -0.75
N ALA A 16 -2.07 2.94 0.37
CA ALA A 16 -2.31 4.40 0.45
C ALA A 16 -1.01 5.23 0.64
N PRO A 17 -0.87 6.53 0.25
CA PRO A 17 0.37 7.34 0.48
C PRO A 17 1.12 7.35 1.85
N VAL A 18 0.46 6.95 2.95
CA VAL A 18 1.13 6.63 4.25
C VAL A 18 1.64 5.16 4.41
N CYS A 19 0.84 4.17 3.99
CA CYS A 19 1.31 2.77 3.82
C CYS A 19 2.43 2.55 2.75
N CYS A 20 2.34 3.30 1.64
CA CYS A 20 3.41 3.40 0.60
C CYS A 20 4.66 4.20 1.06
N TYR A 21 4.47 5.41 1.62
CA TYR A 21 5.58 6.38 1.86
C TYR A 21 5.51 6.74 3.38
N PRO A 22 6.13 6.01 4.35
CA PRO A 22 5.96 6.26 5.80
C PRO A 22 6.82 7.45 6.32
N PRO A 2 -3.82 -8.95 -2.89
CA PRO A 2 -4.02 -7.85 -1.90
C PRO A 2 -4.01 -6.42 -2.53
N CYS A 3 -2.82 -5.86 -2.83
CA CYS A 3 -2.69 -4.52 -3.44
C CYS A 3 -1.66 -4.53 -4.59
N GLY A 4 -0.37 -4.65 -4.24
CA GLY A 4 0.78 -4.49 -5.18
C GLY A 4 0.75 -3.26 -6.13
N SER A 5 0.88 -2.05 -5.55
CA SER A 5 0.88 -0.78 -6.32
C SER A 5 1.55 0.25 -5.39
N TYR A 6 2.89 0.33 -5.54
CA TYR A 6 3.83 1.13 -4.70
C TYR A 6 3.82 0.89 -3.15
N CYS A 7 3.17 -0.17 -2.63
CA CYS A 7 2.91 -0.35 -1.17
C CYS A 7 3.32 -1.75 -0.63
N PRO A 8 3.74 -1.90 0.67
CA PRO A 8 3.40 -3.09 1.49
C PRO A 8 1.87 -3.33 1.57
N SER A 9 1.41 -4.29 0.74
CA SER A 9 -0.01 -4.70 0.70
C SER A 9 -0.54 -5.58 1.87
N VAL A 10 0.22 -5.71 2.98
CA VAL A 10 -0.36 -5.98 4.32
C VAL A 10 -1.27 -4.86 4.92
N CYS A 11 -1.06 -3.59 4.55
CA CYS A 11 -2.14 -2.56 4.58
C CYS A 11 -2.64 -2.14 3.16
N ALA A 12 -3.11 -3.15 2.42
CA ALA A 12 -4.22 -3.07 1.46
C ALA A 12 -5.58 -2.55 2.06
N PRO A 13 -6.61 -2.15 1.25
CA PRO A 13 -6.61 -2.34 -0.22
C PRO A 13 -6.56 -1.10 -1.17
N ALA A 14 -6.29 0.13 -0.67
CA ALA A 14 -5.86 1.25 -1.56
C ALA A 14 -4.44 1.14 -2.17
N CYS A 15 -3.50 0.44 -1.51
CA CYS A 15 -2.05 0.49 -1.81
C CYS A 15 -1.52 1.92 -1.48
N ALA A 16 -1.66 2.37 -0.21
CA ALA A 16 -1.91 3.80 0.10
C ALA A 16 -0.62 4.64 0.29
N PRO A 17 -0.48 5.93 -0.12
CA PRO A 17 0.66 6.80 0.27
C PRO A 17 1.09 6.95 1.77
N VAL A 18 0.26 6.52 2.74
CA VAL A 18 0.65 6.33 4.17
C VAL A 18 0.97 4.86 4.61
N CYS A 19 0.34 3.83 4.00
CA CYS A 19 0.88 2.44 4.05
C CYS A 19 2.29 2.26 3.41
N CYS A 20 2.51 2.92 2.27
CA CYS A 20 3.81 3.00 1.56
C CYS A 20 4.84 3.94 2.25
N TYR A 21 4.45 5.19 2.57
CA TYR A 21 5.40 6.27 2.96
C TYR A 21 4.93 6.81 4.35
N PRO A 22 5.29 6.21 5.52
CA PRO A 22 4.71 6.60 6.83
C PRO A 22 5.34 7.90 7.42
N PRO A 2 -5.46 -6.69 -3.14
CA PRO A 2 -4.15 -6.00 -3.02
C PRO A 2 -3.70 -5.25 -4.32
N CYS A 3 -2.76 -4.31 -4.14
CA CYS A 3 -2.11 -3.59 -5.28
C CYS A 3 -0.79 -4.19 -5.81
N GLY A 4 0.06 -4.70 -4.90
CA GLY A 4 1.39 -5.22 -5.26
C GLY A 4 2.50 -4.14 -5.28
N SER A 5 2.60 -3.45 -6.43
CA SER A 5 3.80 -2.66 -6.81
C SER A 5 3.91 -1.22 -6.23
N TYR A 6 2.81 -0.45 -6.17
CA TYR A 6 2.84 0.92 -5.57
C TYR A 6 2.68 0.99 -4.01
N CYS A 7 2.35 -0.11 -3.31
CA CYS A 7 2.20 -0.12 -1.83
C CYS A 7 2.53 -1.52 -1.24
N PRO A 8 3.05 -1.64 0.04
CA PRO A 8 2.79 -2.82 0.91
C PRO A 8 1.28 -3.09 1.11
N SER A 9 0.77 -4.05 0.32
CA SER A 9 -0.64 -4.49 0.40
C SER A 9 -0.97 -5.62 1.44
N VAL A 10 -0.12 -5.75 2.47
CA VAL A 10 -0.56 -6.20 3.83
C VAL A 10 -1.30 -5.05 4.61
N CYS A 11 -0.82 -3.80 4.50
CA CYS A 11 -1.60 -2.57 4.84
C CYS A 11 -2.74 -2.16 3.81
N ALA A 12 -3.20 -3.07 2.93
CA ALA A 12 -4.44 -2.99 2.14
C ALA A 12 -5.77 -2.59 2.86
N PRO A 13 -6.88 -2.20 2.14
CA PRO A 13 -6.97 -2.30 0.66
C PRO A 13 -6.99 -1.02 -0.22
N ALA A 14 -6.77 0.19 0.34
CA ALA A 14 -6.49 1.39 -0.49
C ALA A 14 -5.11 1.46 -1.18
N CYS A 15 -4.08 0.77 -0.65
CA CYS A 15 -2.67 0.87 -1.11
C CYS A 15 -2.12 2.33 -0.99
N ALA A 16 -2.24 2.91 0.21
CA ALA A 16 -2.36 4.38 0.40
C ALA A 16 -1.01 5.11 0.65
N PRO A 17 -0.80 6.43 0.37
CA PRO A 17 0.46 7.17 0.74
C PRO A 17 1.11 7.08 2.16
N VAL A 18 0.39 6.54 3.17
CA VAL A 18 0.95 6.19 4.52
C VAL A 18 1.25 4.67 4.71
N CYS A 19 0.52 3.74 4.07
CA CYS A 19 1.06 2.38 3.77
C CYS A 19 2.36 2.38 2.90
N CYS A 20 2.34 3.18 1.82
CA CYS A 20 3.43 3.33 0.83
C CYS A 20 4.46 4.40 1.29
N TYR A 21 5.73 4.23 0.89
CA TYR A 21 6.78 5.29 1.00
C TYR A 21 6.94 5.95 2.42
N PRO A 22 7.51 5.30 3.48
CA PRO A 22 7.54 5.85 4.85
C PRO A 22 8.66 6.93 5.04
#